data_9BOS
#
_entry.id   9BOS
#
_cell.length_a   55.849
_cell.length_b   55.849
_cell.length_c   142.358
_cell.angle_alpha   90.000
_cell.angle_beta   90.000
_cell.angle_gamma   90.000
#
_symmetry.space_group_name_H-M   'P 41 21 2'
#
loop_
_entity.id
_entity.type
_entity.pdbx_description
1 polymer Trypsin-3
2 non-polymer 'CALCIUM ION'
3 non-polymer 'CHLORIDE ION'
4 non-polymer 'dimethyl ether'
5 water water
#
_entity_poly.entity_id   1
_entity_poly.type   'polypeptide(L)'
_entity_poly.pdbx_seq_one_letter_code
;IVGGYTCEENSLPYQVSLNSGSHFCGGSLISEQWVVSAAHCYKTRIQVRLGEHNIKVLEGNEQFINAAKIIRHPKYNRDT
LDNDIMLIKLSSPAVINARVSTISLPTTPPAAGTECLISGWGNTLSFGADYPDELKCLDAPVLTQAECKASYPGKITNSM
FCVGFLEGGKDSCQRDAGGPVVCNGQLQGVVSWGHGCAWKNRPGVYTKVYNYVDWIKDTIAANS
;
_entity_poly.pdbx_strand_id   A
#
loop_
_chem_comp.id
_chem_comp.type
_chem_comp.name
_chem_comp.formula
2F2 non-polymer 'dimethyl ether' 'C2 H6 O'
CA non-polymer 'CALCIUM ION' 'Ca 2'
CL non-polymer 'CHLORIDE ION' 'Cl -1'
#
# COMPACT_ATOMS: atom_id res chain seq x y z
N ILE A 1 -6.54 8.96 0.08
CA ILE A 1 -5.57 10.02 0.29
C ILE A 1 -6.13 11.41 0.51
N VAL A 2 -5.67 12.09 1.56
CA VAL A 2 -6.18 13.38 1.99
C VAL A 2 -5.13 14.41 1.65
N GLY A 3 -5.50 15.44 0.86
CA GLY A 3 -4.57 16.54 0.66
C GLY A 3 -3.58 16.27 -0.45
N GLY A 4 -3.88 15.31 -1.28
CA GLY A 4 -2.92 14.92 -2.33
C GLY A 4 -3.28 15.52 -3.66
N TYR A 5 -2.89 14.83 -4.75
CA TYR A 5 -3.24 15.24 -6.07
C TYR A 5 -3.63 14.02 -6.89
N THR A 6 -4.34 14.24 -7.97
CA THR A 6 -4.64 13.13 -8.87
C THR A 6 -3.34 12.71 -9.62
N CYS A 7 -2.87 11.47 -9.43
CA CYS A 7 -1.73 10.95 -10.24
C CYS A 7 -1.97 11.11 -11.74
N GLU A 8 -0.89 11.23 -12.49
CA GLU A 8 -1.01 11.18 -13.93
C GLU A 8 -1.36 9.74 -14.33
N GLU A 9 -2.33 9.61 -15.21
CA GLU A 9 -2.90 8.33 -15.60
C GLU A 9 -1.78 7.33 -15.93
N ASN A 10 -1.72 6.22 -15.18
CA ASN A 10 -0.80 5.08 -15.40
C ASN A 10 0.62 5.41 -15.06
N SER A 11 0.84 6.47 -14.31
CA SER A 11 2.21 6.83 -14.03
C SER A 11 2.77 6.03 -12.84
N LEU A 12 1.94 5.25 -12.19
CA LEU A 12 2.27 4.40 -11.03
C LEU A 12 1.86 2.98 -11.43
N PRO A 13 2.60 2.38 -12.37
CA PRO A 13 2.14 1.14 -12.97
C PRO A 13 2.13 -0.05 -12.05
N TYR A 14 2.83 0.02 -10.94
CA TYR A 14 2.81 -1.03 -9.91
C TYR A 14 1.61 -0.94 -8.93
N GLN A 15 0.80 0.08 -9.03
CA GLN A 15 -0.33 0.22 -8.10
C GLN A 15 -1.48 -0.66 -8.58
N VAL A 16 -1.97 -1.53 -7.69
CA VAL A 16 -3.18 -2.30 -7.98
C VAL A 16 -4.26 -1.99 -6.95
N SER A 17 -5.46 -2.31 -7.35
CA SER A 17 -6.70 -2.18 -6.59
C SER A 17 -7.13 -3.59 -6.27
N LEU A 18 -7.60 -3.82 -5.02
CA LEU A 18 -8.07 -5.14 -4.61
C LEU A 18 -9.59 -5.03 -4.58
N ASN A 19 -10.26 -5.97 -5.21
CA ASN A 19 -11.70 -5.86 -5.50
C ASN A 19 -12.45 -7.12 -5.10
N SER A 20 -13.67 -6.88 -4.61
CA SER A 20 -14.57 -7.95 -4.18
C SER A 20 -16.00 -7.48 -4.38
N GLY A 21 -16.26 -6.93 -5.58
CA GLY A 21 -17.46 -6.18 -5.88
C GLY A 21 -17.19 -4.70 -5.98
N SER A 22 -16.27 -4.20 -5.17
CA SER A 22 -15.90 -2.80 -5.15
C SER A 22 -14.46 -2.72 -4.67
N HIS A 23 -13.91 -1.55 -4.86
CA HIS A 23 -12.58 -1.30 -4.34
C HIS A 23 -12.59 -1.32 -2.81
N PHE A 24 -11.67 -2.06 -2.19
CA PHE A 24 -11.52 -1.97 -0.74
C PHE A 24 -10.09 -1.80 -0.22
N CYS A 25 -9.05 -2.04 -1.02
CA CYS A 25 -7.68 -1.90 -0.52
C CYS A 25 -6.75 -1.71 -1.72
N GLY A 26 -5.50 -1.37 -1.44
CA GLY A 26 -4.47 -1.34 -2.47
C GLY A 26 -3.55 -2.54 -2.39
N GLY A 27 -2.59 -2.56 -3.32
CA GLY A 27 -1.45 -3.44 -3.24
C GLY A 27 -0.36 -2.94 -4.17
N SER A 28 0.78 -3.62 -4.15
CA SER A 28 1.94 -3.25 -5.00
C SER A 28 2.42 -4.48 -5.79
N LEU A 29 2.54 -4.35 -7.10
CA LEU A 29 3.06 -5.46 -7.93
C LEU A 29 4.59 -5.48 -7.86
N ILE A 30 5.19 -6.53 -7.25
CA ILE A 30 6.64 -6.66 -7.11
C ILE A 30 7.20 -7.68 -8.04
N SER A 31 6.36 -8.40 -8.75
N SER A 31 6.36 -8.45 -8.71
CA SER A 31 6.86 -9.28 -9.82
CA SER A 31 6.83 -9.35 -9.76
C SER A 31 5.65 -9.64 -10.65
C SER A 31 5.64 -9.63 -10.65
N GLU A 32 5.90 -10.20 -11.84
CA GLU A 32 4.83 -10.45 -12.78
C GLU A 32 3.61 -11.04 -12.11
N GLN A 33 3.81 -12.03 -11.25
CA GLN A 33 2.69 -12.81 -10.65
C GLN A 33 2.50 -12.58 -9.15
N TRP A 34 3.08 -11.53 -8.55
CA TRP A 34 3.01 -11.38 -7.11
C TRP A 34 2.73 -9.94 -6.66
N VAL A 35 1.80 -9.79 -5.71
CA VAL A 35 1.43 -8.51 -5.12
C VAL A 35 1.74 -8.51 -3.62
N VAL A 36 2.19 -7.36 -3.11
CA VAL A 36 2.38 -7.11 -1.70
C VAL A 36 1.22 -6.24 -1.24
N SER A 37 0.62 -6.62 -0.13
CA SER A 37 -0.48 -5.82 0.45
C SER A 37 -0.46 -6.00 1.97
N ALA A 38 -1.55 -5.54 2.63
CA ALA A 38 -1.66 -5.65 4.08
C ALA A 38 -2.44 -6.86 4.54
N ALA A 39 -1.98 -7.47 5.63
CA ALA A 39 -2.63 -8.68 6.13
C ALA A 39 -4.09 -8.41 6.49
N HIS A 40 -4.36 -7.22 7.02
CA HIS A 40 -5.74 -6.88 7.40
C HIS A 40 -6.64 -6.65 6.19
N CYS A 41 -6.11 -6.58 4.97
CA CYS A 41 -6.91 -6.51 3.75
C CYS A 41 -7.36 -7.88 3.26
N TYR A 42 -7.05 -8.94 4.01
CA TYR A 42 -7.26 -10.31 3.56
C TYR A 42 -8.75 -10.66 3.42
N LYS A 43 -9.05 -11.33 2.32
CA LYS A 43 -10.39 -11.88 2.01
C LYS A 43 -10.16 -13.27 1.41
N THR A 44 -11.16 -14.15 1.51
CA THR A 44 -11.11 -15.54 1.03
C THR A 44 -10.93 -15.53 -0.50
N ARG A 45 -11.58 -14.59 -1.19
CA ARG A 45 -11.48 -14.41 -2.63
C ARG A 45 -11.22 -12.94 -2.91
N ILE A 46 -10.16 -12.67 -3.66
CA ILE A 46 -9.80 -11.27 -4.04
C ILE A 46 -9.49 -11.23 -5.54
N GLN A 47 -10.06 -10.26 -6.26
CA GLN A 47 -9.68 -9.96 -7.61
C GLN A 47 -8.75 -8.74 -7.62
N VAL A 48 -7.62 -8.89 -8.29
CA VAL A 48 -6.59 -7.85 -8.41
C VAL A 48 -6.83 -7.12 -9.72
N ARG A 49 -6.98 -5.82 -9.64
CA ARG A 49 -7.21 -4.97 -10.81
C ARG A 49 -5.97 -4.11 -11.09
N LEU A 50 -5.33 -4.37 -12.23
CA LEU A 50 -4.07 -3.72 -12.59
C LEU A 50 -4.30 -2.74 -13.74
N GLY A 51 -3.38 -1.80 -13.87
CA GLY A 51 -3.47 -0.84 -14.95
C GLY A 51 -4.61 0.13 -14.85
N GLU A 52 -5.07 0.36 -13.64
CA GLU A 52 -6.25 1.18 -13.36
C GLU A 52 -5.85 2.62 -13.18
N HIS A 53 -6.69 3.51 -13.67
CA HIS A 53 -6.60 4.89 -13.26
C HIS A 53 -7.95 5.36 -12.67
N ASN A 54 -8.97 5.49 -13.50
CA ASN A 54 -10.33 5.71 -12.99
C ASN A 54 -10.96 4.34 -12.67
N ILE A 55 -11.13 4.05 -11.38
CA ILE A 55 -11.53 2.70 -10.98
C ILE A 55 -13.00 2.41 -11.18
N LYS A 56 -13.81 3.36 -11.67
CA LYS A 56 -15.26 3.22 -11.84
C LYS A 56 -15.65 3.19 -13.31
N VAL A 57 -14.71 3.35 -14.23
CA VAL A 57 -14.99 3.40 -15.65
C VAL A 57 -13.90 2.59 -16.34
N LEU A 58 -14.26 1.65 -17.20
CA LEU A 58 -13.26 0.95 -18.02
C LEU A 58 -12.66 2.02 -18.93
N GLU A 59 -11.33 2.12 -19.03
CA GLU A 59 -10.73 3.12 -19.91
C GLU A 59 -9.93 2.51 -21.05
N GLY A 60 -9.37 1.31 -20.87
CA GLY A 60 -8.67 0.63 -21.96
C GLY A 60 -7.32 -0.02 -21.67
N ASN A 61 -6.81 0.10 -20.44
CA ASN A 61 -5.53 -0.51 -20.10
C ASN A 61 -5.65 -1.50 -18.93
N GLU A 62 -6.88 -1.79 -18.45
CA GLU A 62 -7.03 -2.60 -17.25
C GLU A 62 -6.69 -4.06 -17.49
N GLN A 63 -6.16 -4.72 -16.46
CA GLN A 63 -6.08 -6.18 -16.43
C GLN A 63 -6.70 -6.65 -15.12
N PHE A 64 -7.70 -7.52 -15.20
CA PHE A 64 -8.28 -8.13 -14.01
C PHE A 64 -7.77 -9.57 -13.90
N ILE A 65 -7.25 -9.93 -12.72
CA ILE A 65 -6.71 -11.26 -12.45
C ILE A 65 -7.13 -11.66 -11.04
N ASN A 66 -7.73 -12.85 -10.92
CA ASN A 66 -8.17 -13.38 -9.61
C ASN A 66 -6.92 -13.95 -8.93
N ALA A 67 -6.83 -13.77 -7.61
CA ALA A 67 -5.73 -14.28 -6.82
C ALA A 67 -5.84 -15.78 -6.69
N ALA A 68 -4.69 -16.45 -6.79
CA ALA A 68 -4.67 -17.89 -6.62
C ALA A 68 -4.37 -18.27 -5.18
N LYS A 69 -3.32 -17.68 -4.59
CA LYS A 69 -2.91 -17.98 -3.23
C LYS A 69 -2.67 -16.68 -2.49
N ILE A 70 -3.19 -16.60 -1.27
CA ILE A 70 -3.01 -15.45 -0.39
C ILE A 70 -2.34 -15.92 0.88
N ILE A 71 -1.29 -15.21 1.29
CA ILE A 71 -0.45 -15.62 2.41
C ILE A 71 -0.32 -14.44 3.36
N ARG A 72 -1.05 -14.46 4.47
CA ARG A 72 -0.76 -13.44 5.48
C ARG A 72 0.57 -13.76 6.13
N HIS A 73 1.22 -12.76 6.69
CA HIS A 73 2.41 -13.02 7.46
C HIS A 73 2.10 -13.93 8.64
N PRO A 74 2.91 -14.96 8.89
CA PRO A 74 2.58 -15.90 9.97
C PRO A 74 2.45 -15.28 11.35
N LYS A 75 3.12 -14.16 11.61
CA LYS A 75 3.06 -13.47 12.89
C LYS A 75 2.10 -12.28 12.89
N TYR A 76 1.18 -12.23 11.92
CA TYR A 76 0.22 -11.13 11.87
C TYR A 76 -0.77 -11.25 13.03
N ASN A 77 -1.06 -10.10 13.65
CA ASN A 77 -1.97 -9.99 14.78
C ASN A 77 -3.11 -9.04 14.40
N ARG A 78 -4.34 -9.57 14.36
CA ARG A 78 -5.52 -8.83 13.90
C ARG A 78 -5.84 -7.65 14.83
N ASP A 79 -5.39 -7.67 16.09
CA ASP A 79 -5.80 -6.65 17.06
C ASP A 79 -4.83 -5.47 17.15
N THR A 80 -3.54 -5.74 17.17
CA THR A 80 -2.50 -4.72 17.18
C THR A 80 -2.01 -4.32 15.80
N LEU A 81 -2.32 -5.11 14.77
CA LEU A 81 -1.82 -4.96 13.40
C LEU A 81 -0.31 -5.06 13.35
N ASP A 82 0.30 -5.72 14.33
CA ASP A 82 1.68 -6.14 14.14
C ASP A 82 1.81 -6.96 12.86
N ASN A 83 2.95 -6.82 12.19
CA ASN A 83 3.31 -7.56 10.97
C ASN A 83 2.17 -7.55 9.95
N ASP A 84 1.68 -6.34 9.65
CA ASP A 84 0.52 -6.18 8.78
C ASP A 84 1.00 -6.19 7.33
N ILE A 85 1.22 -7.41 6.83
CA ILE A 85 1.77 -7.55 5.46
C ILE A 85 1.29 -8.90 4.94
N MET A 86 1.12 -8.98 3.63
CA MET A 86 0.50 -10.12 2.98
C MET A 86 1.00 -10.24 1.54
N LEU A 87 1.04 -11.46 1.04
CA LEU A 87 1.44 -11.71 -0.34
C LEU A 87 0.27 -12.33 -1.08
N ILE A 88 0.02 -11.86 -2.30
CA ILE A 88 -1.00 -12.40 -3.19
C ILE A 88 -0.27 -12.88 -4.45
N LYS A 89 -0.47 -14.14 -4.81
CA LYS A 89 0.06 -14.75 -6.05
C LYS A 89 -1.09 -14.73 -7.04
N LEU A 90 -0.90 -14.12 -8.22
CA LEU A 90 -1.95 -14.03 -9.21
C LEU A 90 -2.14 -15.40 -9.85
N SER A 91 -3.35 -15.67 -10.32
CA SER A 91 -3.58 -16.97 -10.96
C SER A 91 -2.81 -17.08 -12.27
N SER A 92 -2.65 -15.99 -12.98
N SER A 92 -2.60 -15.98 -12.97
CA SER A 92 -1.85 -15.90 -14.18
CA SER A 92 -1.84 -15.96 -14.21
C SER A 92 -0.88 -14.74 -14.01
C SER A 92 -0.96 -14.71 -14.18
N PRO A 93 0.30 -14.81 -14.61
CA PRO A 93 1.19 -13.65 -14.57
C PRO A 93 0.58 -12.49 -15.34
N ALA A 94 0.72 -11.29 -14.78
CA ALA A 94 0.26 -10.08 -15.44
C ALA A 94 1.09 -9.85 -16.67
N VAL A 95 0.47 -9.28 -17.71
CA VAL A 95 1.21 -8.80 -18.87
C VAL A 95 1.88 -7.50 -18.50
N ILE A 96 3.18 -7.42 -18.73
CA ILE A 96 4.00 -6.29 -18.33
C ILE A 96 4.12 -5.36 -19.54
N ASN A 97 3.68 -4.11 -19.38
CA ASN A 97 3.70 -3.11 -20.43
C ASN A 97 3.95 -1.74 -19.80
N ALA A 98 3.73 -0.67 -20.58
CA ALA A 98 3.99 0.68 -20.08
C ALA A 98 3.12 1.00 -18.88
N ARG A 99 1.96 0.33 -18.77
CA ARG A 99 0.88 0.64 -17.82
C ARG A 99 0.84 -0.25 -16.59
N VAL A 100 1.41 -1.45 -16.67
CA VAL A 100 1.45 -2.46 -15.63
C VAL A 100 2.87 -2.93 -15.51
N SER A 101 3.52 -2.63 -14.38
CA SER A 101 4.94 -2.90 -14.15
C SER A 101 5.20 -3.12 -12.68
N THR A 102 6.45 -3.46 -12.34
CA THR A 102 6.73 -3.92 -10.99
C THR A 102 7.57 -2.86 -10.29
N ILE A 103 7.49 -2.91 -8.94
CA ILE A 103 8.25 -2.02 -8.06
C ILE A 103 9.21 -2.89 -7.24
N SER A 104 10.39 -2.33 -6.92
CA SER A 104 11.47 -3.12 -6.32
C SER A 104 11.42 -3.19 -4.80
N LEU A 105 12.08 -4.22 -4.30
CA LEU A 105 12.22 -4.33 -2.84
C LEU A 105 13.31 -3.40 -2.29
N PRO A 106 13.21 -2.97 -1.02
CA PRO A 106 14.25 -2.10 -0.47
C PRO A 106 15.52 -2.83 -0.04
N THR A 107 16.62 -2.06 0.00
CA THR A 107 17.94 -2.58 0.37
C THR A 107 18.29 -2.07 1.75
N THR A 108 17.54 -1.11 2.24
CA THR A 108 17.75 -0.57 3.56
C THR A 108 16.45 0.08 4.00
N PRO A 109 16.20 0.18 5.30
CA PRO A 109 15.07 0.99 5.75
C PRO A 109 15.24 2.43 5.29
N PRO A 110 14.14 3.16 5.11
CA PRO A 110 14.26 4.53 4.60
C PRO A 110 14.60 5.43 5.77
N ALA A 111 15.50 6.36 5.54
CA ALA A 111 15.89 7.26 6.57
C ALA A 111 14.80 8.29 6.77
N ALA A 112 14.67 8.76 8.03
CA ALA A 112 13.86 9.94 8.29
C ALA A 112 14.25 11.07 7.35
N GLY A 113 13.23 11.71 6.78
CA GLY A 113 13.38 12.82 5.88
C GLY A 113 13.42 12.43 4.45
N THR A 114 13.48 11.13 4.16
CA THR A 114 13.39 10.68 2.78
C THR A 114 12.03 11.02 2.21
N GLU A 115 12.00 11.57 1.00
CA GLU A 115 10.73 11.93 0.33
C GLU A 115 10.18 10.63 -0.28
N CYS A 116 8.90 10.35 -0.06
CA CYS A 116 8.24 9.15 -0.52
C CYS A 116 6.99 9.49 -1.28
N LEU A 117 6.44 8.50 -1.98
CA LEU A 117 5.20 8.67 -2.74
C LEU A 117 4.15 7.65 -2.31
N ILE A 118 3.05 8.13 -1.66
CA ILE A 118 1.95 7.28 -1.23
C ILE A 118 0.79 7.44 -2.21
N SER A 119 0.04 6.38 -2.44
CA SER A 119 -1.03 6.44 -3.41
C SER A 119 -2.13 5.45 -3.11
N GLY A 120 -3.33 5.76 -3.63
CA GLY A 120 -4.50 4.91 -3.47
C GLY A 120 -5.82 5.57 -3.88
N TRP A 121 -6.88 4.76 -3.84
CA TRP A 121 -8.24 5.23 -4.13
C TRP A 121 -9.07 5.44 -2.86
N GLY A 122 -8.43 5.76 -1.77
CA GLY A 122 -9.07 5.88 -0.46
C GLY A 122 -9.76 7.23 -0.30
N ASN A 123 -10.44 7.35 0.84
CA ASN A 123 -11.15 8.57 1.20
C ASN A 123 -10.27 9.81 1.11
N THR A 124 -10.83 10.85 0.52
CA THR A 124 -10.07 12.09 0.39
C THR A 124 -10.38 13.10 1.49
N LEU A 125 -11.24 12.75 2.48
CA LEU A 125 -11.62 13.69 3.51
C LEU A 125 -11.20 13.26 4.91
N SER A 126 -10.98 14.24 5.77
CA SER A 126 -10.66 14.07 7.21
C SER A 126 -11.93 13.77 8.00
N PHE A 127 -13.10 14.15 7.47
CA PHE A 127 -14.41 13.96 8.11
C PHE A 127 -15.44 13.67 7.02
N GLY A 128 -16.36 12.77 7.27
CA GLY A 128 -17.23 12.28 6.19
C GLY A 128 -16.36 11.50 5.17
N ALA A 129 -16.95 11.16 4.04
CA ALA A 129 -16.21 10.35 3.04
C ALA A 129 -16.49 10.80 1.63
N ASP A 130 -15.42 10.86 0.83
CA ASP A 130 -15.47 11.07 -0.63
C ASP A 130 -14.46 10.09 -1.24
N TYR A 131 -14.91 9.02 -1.90
CA TYR A 131 -14.01 8.08 -2.51
C TYR A 131 -13.79 8.47 -3.96
N PRO A 132 -12.56 8.75 -4.36
CA PRO A 132 -12.31 9.36 -5.68
C PRO A 132 -12.43 8.39 -6.83
N ASP A 133 -12.80 8.94 -8.00
CA ASP A 133 -12.75 8.15 -9.24
C ASP A 133 -11.30 7.79 -9.64
N GLU A 134 -10.39 8.73 -9.52
CA GLU A 134 -9.06 8.52 -10.06
C GLU A 134 -8.01 8.39 -8.98
N LEU A 135 -6.93 7.72 -9.32
CA LEU A 135 -5.90 7.46 -8.36
C LEU A 135 -5.26 8.75 -7.82
N LYS A 136 -5.14 8.81 -6.49
CA LYS A 136 -4.58 9.96 -5.74
C LYS A 136 -3.13 9.63 -5.37
N CYS A 137 -2.33 10.67 -5.15
CA CYS A 137 -0.90 10.62 -4.98
C CYS A 137 -0.56 11.65 -3.91
N LEU A 138 0.35 11.29 -3.02
CA LEU A 138 0.85 12.21 -2.02
C LEU A 138 2.34 12.08 -1.84
N ASP A 139 3.04 13.20 -1.93
CA ASP A 139 4.45 13.28 -1.60
C ASP A 139 4.57 13.57 -0.12
N ALA A 140 5.27 12.70 0.62
CA ALA A 140 5.34 12.84 2.05
C ALA A 140 6.64 12.26 2.58
N PRO A 141 7.22 12.83 3.61
CA PRO A 141 8.53 12.36 4.10
C PRO A 141 8.41 11.35 5.23
N VAL A 142 9.42 10.50 5.31
CA VAL A 142 9.50 9.59 6.46
C VAL A 142 9.74 10.34 7.76
N LEU A 143 9.02 9.95 8.83
CA LEU A 143 9.17 10.56 10.13
C LEU A 143 10.03 9.67 11.01
N THR A 144 10.56 10.24 12.09
CA THR A 144 11.42 9.44 12.96
C THR A 144 10.59 8.49 13.81
N GLN A 145 11.29 7.48 14.36
CA GLN A 145 10.65 6.54 15.27
C GLN A 145 10.15 7.28 16.52
N ALA A 146 10.92 8.28 16.99
CA ALA A 146 10.50 9.04 18.16
C ALA A 146 9.21 9.81 17.90
N GLU A 147 9.11 10.50 16.76
CA GLU A 147 7.87 11.18 16.40
C GLU A 147 6.71 10.19 16.27
N CYS A 148 6.99 9.04 15.63
CA CYS A 148 5.96 8.01 15.45
C CYS A 148 5.46 7.59 16.83
N LYS A 149 6.38 7.21 17.72
CA LYS A 149 5.99 6.66 19.01
C LYS A 149 5.27 7.71 19.86
N ALA A 150 5.59 9.00 19.68
CA ALA A 150 4.95 10.07 20.43
C ALA A 150 3.53 10.31 19.97
N SER A 151 3.25 10.03 18.70
CA SER A 151 1.94 10.21 18.08
C SER A 151 0.97 9.10 18.44
N TYR A 152 1.50 7.91 18.71
CA TYR A 152 0.70 6.74 19.08
C TYR A 152 1.42 5.99 20.21
N PRO A 153 1.44 6.55 21.42
CA PRO A 153 2.20 5.91 22.51
C PRO A 153 1.71 4.50 22.72
N GLY A 154 2.65 3.56 22.80
CA GLY A 154 2.37 2.17 23.10
C GLY A 154 1.86 1.33 21.94
N LYS A 155 1.65 1.90 20.76
CA LYS A 155 1.03 1.15 19.68
C LYS A 155 1.95 0.84 18.51
N ILE A 156 3.17 1.40 18.50
CA ILE A 156 4.09 1.29 17.37
C ILE A 156 5.04 0.13 17.65
N THR A 157 4.90 -0.96 16.88
CA THR A 157 5.78 -2.12 16.98
C THR A 157 6.98 -1.98 16.06
N ASN A 158 7.86 -2.96 16.19
CA ASN A 158 9.04 -2.99 15.33
C ASN A 158 8.68 -3.13 13.87
N SER A 159 7.47 -3.55 13.56
CA SER A 159 7.10 -3.67 12.16
C SER A 159 6.59 -2.37 11.55
N MET A 160 6.40 -1.29 12.34
CA MET A 160 5.76 -0.09 11.82
C MET A 160 6.60 1.18 11.80
N PHE A 161 6.29 2.08 10.84
CA PHE A 161 6.87 3.42 10.80
C PHE A 161 5.82 4.42 10.29
N CYS A 162 6.11 5.66 10.57
CA CYS A 162 5.21 6.76 10.22
C CYS A 162 5.76 7.53 9.04
N VAL A 163 4.87 8.02 8.20
CA VAL A 163 5.22 8.87 7.08
C VAL A 163 4.12 9.91 7.02
N GLY A 164 4.50 11.18 6.92
CA GLY A 164 3.50 12.24 6.70
C GLY A 164 3.93 13.54 7.35
N PHE A 165 2.95 14.27 7.86
CA PHE A 165 3.11 15.65 8.29
C PHE A 165 2.45 15.79 9.65
N LEU A 166 3.22 16.17 10.65
CA LEU A 166 2.63 16.30 11.99
C LEU A 166 1.69 17.50 12.10
N GLU A 167 1.87 18.50 11.24
CA GLU A 167 0.99 19.69 11.17
C GLU A 167 -0.42 19.24 10.77
N GLY A 168 -0.55 18.04 10.20
CA GLY A 168 -1.81 17.56 9.66
C GLY A 168 -2.08 18.04 8.24
N GLY A 169 -3.18 17.55 7.66
CA GLY A 169 -3.70 18.03 6.38
C GLY A 169 -3.42 17.16 5.15
N LYS A 170 -2.40 16.30 5.22
CA LYS A 170 -1.95 15.47 4.12
C LYS A 170 -1.71 14.08 4.70
N ASP A 171 -2.44 13.05 4.23
CA ASP A 171 -2.31 11.73 4.86
C ASP A 171 -2.93 10.69 3.91
N SER A 172 -2.68 9.40 4.18
CA SER A 172 -3.48 8.29 3.67
C SER A 172 -4.76 8.13 4.50
N CYS A 173 -5.65 7.26 4.05
CA CYS A 173 -6.95 7.17 4.70
C CYS A 173 -7.64 5.85 4.31
N GLN A 174 -8.90 5.73 4.65
CA GLN A 174 -9.60 4.44 4.56
C GLN A 174 -9.66 3.98 3.11
N ARG A 175 -9.29 2.71 2.89
CA ARG A 175 -9.28 1.99 1.60
C ARG A 175 -8.07 2.37 0.78
N ASP A 176 -7.14 3.14 1.36
CA ASP A 176 -5.75 3.20 0.86
C ASP A 176 -4.89 2.03 1.39
N ALA A 177 -5.36 1.34 2.42
CA ALA A 177 -4.52 0.35 3.09
C ALA A 177 -4.12 -0.79 2.17
N GLY A 178 -2.91 -1.26 2.37
CA GLY A 178 -2.38 -2.29 1.55
C GLY A 178 -1.59 -1.72 0.41
N GLY A 179 -1.77 -0.42 0.11
CA GLY A 179 -1.06 0.18 -1.00
C GLY A 179 0.38 0.61 -0.71
N PRO A 180 1.00 1.17 -1.72
CA PRO A 180 2.45 1.47 -1.60
C PRO A 180 2.84 2.80 -0.94
N VAL A 181 3.99 2.73 -0.30
CA VAL A 181 4.86 3.87 0.00
C VAL A 181 6.19 3.62 -0.72
N VAL A 182 6.45 4.39 -1.76
CA VAL A 182 7.63 4.23 -2.61
C VAL A 182 8.58 5.40 -2.38
N CYS A 183 9.84 5.08 -2.05
CA CYS A 183 10.91 6.07 -1.77
C CYS A 183 12.12 5.67 -2.62
N ASN A 184 12.56 6.56 -3.49
CA ASN A 184 13.75 6.34 -4.32
C ASN A 184 13.57 5.07 -5.13
N GLY A 185 12.36 4.89 -5.62
CA GLY A 185 12.05 3.80 -6.53
C GLY A 185 11.95 2.41 -5.95
N GLN A 186 11.98 2.29 -4.64
CA GLN A 186 11.80 1.04 -3.93
C GLN A 186 10.52 1.10 -3.07
N LEU A 187 9.87 -0.05 -2.97
CA LEU A 187 8.76 -0.20 -2.01
C LEU A 187 9.24 -0.29 -0.57
N GLN A 188 9.11 0.82 0.16
CA GLN A 188 9.51 0.89 1.55
C GLN A 188 8.35 0.65 2.52
N GLY A 189 7.10 1.02 2.18
CA GLY A 189 6.02 0.88 3.12
C GLY A 189 4.77 0.26 2.52
N VAL A 190 3.97 -0.33 3.40
CA VAL A 190 2.61 -0.75 3.09
C VAL A 190 1.65 0.06 3.99
N VAL A 191 0.77 0.85 3.38
CA VAL A 191 -0.28 1.54 4.12
C VAL A 191 -1.02 0.60 5.04
N SER A 192 -1.10 0.96 6.32
CA SER A 192 -1.65 0.08 7.33
C SER A 192 -2.78 0.76 8.15
N TRP A 193 -2.49 1.76 8.99
CA TRP A 193 -3.52 2.33 9.83
C TRP A 193 -3.14 3.72 10.32
N GLY A 194 -4.13 4.40 10.93
CA GLY A 194 -3.84 5.56 11.73
C GLY A 194 -5.11 5.89 12.49
N HIS A 195 -5.03 6.91 13.36
CA HIS A 195 -6.20 7.45 14.10
C HIS A 195 -6.66 8.65 13.28
N GLY A 196 -7.87 8.61 12.71
CA GLY A 196 -8.30 9.68 11.82
C GLY A 196 -7.42 9.67 10.56
N CYS A 197 -7.73 10.59 9.66
CA CYS A 197 -6.99 10.78 8.41
C CYS A 197 -6.64 12.26 8.39
N ALA A 198 -5.34 12.51 8.47
CA ALA A 198 -4.77 13.82 8.28
C ALA A 198 -5.08 14.74 9.46
N TRP A 199 -5.18 14.18 10.67
CA TRP A 199 -5.36 14.96 11.87
C TRP A 199 -4.00 15.38 12.37
N LYS A 200 -3.98 16.53 13.04
CA LYS A 200 -2.73 16.98 13.63
C LYS A 200 -2.14 15.95 14.57
N ASN A 201 -0.84 15.73 14.41
CA ASN A 201 -0.01 14.84 15.22
C ASN A 201 -0.47 13.38 15.15
N ARG A 202 -1.12 13.00 14.07
CA ARG A 202 -1.70 11.66 13.89
C ARG A 202 -1.37 11.24 12.47
N PRO A 203 -0.08 10.98 12.21
CA PRO A 203 0.33 10.57 10.87
C PRO A 203 -0.02 9.11 10.62
N GLY A 204 -0.14 8.77 9.34
CA GLY A 204 -0.32 7.37 8.96
C GLY A 204 0.81 6.47 9.45
N VAL A 205 0.46 5.24 9.73
CA VAL A 205 1.41 4.22 10.18
C VAL A 205 1.49 3.16 9.11
N TYR A 206 2.72 2.81 8.73
CA TYR A 206 2.99 1.89 7.60
C TYR A 206 3.87 0.72 8.03
N THR A 207 3.71 -0.41 7.35
CA THR A 207 4.54 -1.58 7.59
C THR A 207 5.91 -1.47 6.89
N LYS A 208 6.96 -1.77 7.65
CA LYS A 208 8.35 -1.66 7.15
C LYS A 208 8.58 -2.87 6.26
N VAL A 209 8.60 -2.62 4.95
CA VAL A 209 8.79 -3.71 3.94
C VAL A 209 10.17 -4.33 4.13
N TYR A 210 11.18 -3.55 4.51
CA TYR A 210 12.56 -4.04 4.55
C TYR A 210 12.65 -5.16 5.56
N ASN A 211 11.83 -5.07 6.64
CA ASN A 211 11.89 -6.13 7.62
C ASN A 211 11.50 -7.50 7.07
N TYR A 212 10.80 -7.52 5.95
CA TYR A 212 10.26 -8.80 5.39
C TYR A 212 10.94 -9.19 4.08
N VAL A 213 12.12 -8.67 3.76
CA VAL A 213 12.72 -8.98 2.45
C VAL A 213 12.96 -10.49 2.32
N ASP A 214 13.50 -11.09 3.37
CA ASP A 214 13.83 -12.52 3.37
C ASP A 214 12.56 -13.36 3.25
N TRP A 215 11.55 -12.98 4.02
CA TRP A 215 10.29 -13.72 4.00
C TRP A 215 9.63 -13.61 2.62
N ILE A 216 9.59 -12.39 2.06
CA ILE A 216 9.05 -12.24 0.70
C ILE A 216 9.81 -13.16 -0.26
N LYS A 217 11.14 -13.00 -0.34
CA LYS A 217 11.91 -13.78 -1.33
C LYS A 217 11.72 -15.27 -1.15
N ASP A 218 11.74 -15.75 0.10
CA ASP A 218 11.69 -17.19 0.32
C ASP A 218 10.29 -17.72 0.05
N THR A 219 9.24 -17.00 0.53
CA THR A 219 7.89 -17.46 0.26
C THR A 219 7.60 -17.53 -1.22
N ILE A 220 8.01 -16.51 -1.97
CA ILE A 220 7.75 -16.49 -3.41
C ILE A 220 8.55 -17.58 -4.12
N ALA A 221 9.85 -17.67 -3.86
CA ALA A 221 10.62 -18.80 -4.41
C ALA A 221 9.94 -20.14 -4.09
N ALA A 222 9.52 -20.33 -2.82
CA ALA A 222 9.02 -21.66 -2.46
C ALA A 222 7.66 -21.98 -3.08
N ASN A 223 6.91 -20.99 -3.53
CA ASN A 223 5.58 -21.21 -4.08
C ASN A 223 5.52 -20.89 -5.58
N SER A 224 6.65 -21.07 -6.28
CA SER A 224 6.69 -20.72 -7.70
C SER A 224 6.85 -21.99 -8.52
CA CA B . -10.71 1.83 -14.91
CL CL C . -3.98 -0.61 16.47
C1 2F2 D . 10.21 9.13 -4.49
O 2F2 D . 9.72 8.35 -5.59
C 2F2 D . 10.68 7.42 -6.12
H1 2F2 D . 11.01 9.62 -4.76
H2 2F2 D . 10.43 8.55 -3.74
H3 2F2 D . 9.52 9.76 -4.22
H4 2F2 D . 10.93 7.70 -7.02
H5 2F2 D . 10.28 6.54 -6.17
H6 2F2 D . 11.46 7.41 -5.55
C1 2F2 E . 10.37 -11.58 9.70
O 2F2 E . 9.58 -12.60 9.07
C 2F2 E . 10.21 -13.87 9.16
H1 2F2 E . 11.23 -11.53 9.28
H2 2F2 E . 10.49 -11.80 10.64
H3 2F2 E . 9.91 -10.73 9.63
H4 2F2 E . 9.65 -14.54 8.72
H5 2F2 E . 10.33 -14.12 10.09
H6 2F2 E . 11.07 -13.84 8.72
#